data_8PXF
#
_entry.id   8PXF
#
_cell.length_a   87.260
_cell.length_b   87.260
_cell.length_c   130.520
_cell.angle_alpha   90.00
_cell.angle_beta   90.00
_cell.angle_gamma   90.00
#
_symmetry.space_group_name_H-M   'P 41 21 2'
#
loop_
_entity.id
_entity.type
_entity.pdbx_description
1 polymer 'Disulfide bond oxidoreductase/isomerase'
2 water water
#
_entity_poly.entity_id   1
_entity_poly.type   'polypeptide(L)'
_entity_poly.pdbx_seq_one_letter_code
;MDKAELQKTLQANKIQGNIVSSSDLGSGLSMVIVEVNNQQAPFLATDDGKMIFQAEVLIAQDKSTESRVQEFYKNLYEKE
KLRISAKLKEVFKAQKANVFTFKAKKPSNKTIYIVSDFNCPYCQREFANLDKRLESANVELLVVGFLGEDSILKAANALK
NKSGNQAKDIAMLQKLYTPKSKGQSMDIKAAMALTQAVADTGVRSVPYIIEPHHHHHH
;
_entity_poly.pdbx_strand_id   A,B
#
# COMPACT_ATOMS: atom_id res chain seq x y z
N MET A 1 9.94 -7.41 -29.97
CA MET A 1 11.15 -7.50 -29.12
C MET A 1 11.68 -8.94 -29.12
N ASP A 2 12.67 -9.19 -28.28
CA ASP A 2 13.34 -10.51 -28.23
C ASP A 2 12.56 -11.48 -27.33
N LYS A 3 11.54 -12.13 -27.87
CA LYS A 3 10.71 -13.07 -27.08
C LYS A 3 11.57 -14.23 -26.57
N ALA A 4 12.63 -14.57 -27.27
CA ALA A 4 13.49 -15.64 -26.77
C ALA A 4 14.14 -15.25 -25.47
N GLU A 5 14.59 -14.00 -25.38
CA GLU A 5 15.18 -13.48 -24.12
C GLU A 5 14.12 -13.46 -23.04
N LEU A 6 12.89 -13.08 -23.38
CA LEU A 6 11.84 -13.01 -22.36
C LEU A 6 11.64 -14.41 -21.76
N GLN A 7 11.58 -15.43 -22.58
CA GLN A 7 11.39 -16.78 -21.99
C GLN A 7 12.62 -17.07 -21.15
N LYS A 8 13.81 -16.78 -21.68
CA LYS A 8 15.00 -17.14 -20.91
C LYS A 8 15.06 -16.33 -19.61
N THR A 9 14.50 -15.13 -19.62
CA THR A 9 14.40 -14.34 -18.41
C THR A 9 13.39 -14.92 -17.45
N LEU A 10 12.31 -15.49 -17.97
CA LEU A 10 11.30 -16.10 -17.11
C LEU A 10 11.87 -17.32 -16.39
N GLN A 11 12.72 -18.08 -17.06
CA GLN A 11 13.31 -19.26 -16.45
C GLN A 11 14.22 -18.88 -15.29
N ALA A 12 15.02 -17.84 -15.53
CA ALA A 12 15.95 -17.29 -14.54
C ALA A 12 15.22 -17.01 -13.24
N ASN A 13 14.02 -16.45 -13.30
CA ASN A 13 13.34 -16.15 -12.01
C ASN A 13 12.29 -17.19 -11.71
N LYS A 14 12.41 -18.36 -12.32
CA LYS A 14 11.50 -19.47 -11.99
C LYS A 14 10.04 -19.09 -12.17
N ILE A 15 9.71 -18.38 -13.24
CA ILE A 15 8.28 -18.08 -13.53
C ILE A 15 7.87 -19.07 -14.60
N GLN A 16 6.84 -19.88 -14.34
CA GLN A 16 6.44 -20.92 -15.28
C GLN A 16 5.22 -20.39 -16.08
N GLY A 17 5.52 -19.44 -16.96
CA GLY A 17 4.51 -18.83 -17.77
C GLY A 17 4.81 -18.96 -19.31
N ASN A 18 3.77 -18.64 -20.03
CA ASN A 18 3.88 -18.56 -21.49
C ASN A 18 3.75 -17.11 -21.94
N ILE A 19 4.61 -16.71 -22.84
CA ILE A 19 4.65 -15.35 -23.40
C ILE A 19 3.56 -15.27 -24.46
N VAL A 20 2.46 -14.62 -24.12
CA VAL A 20 1.32 -14.59 -25.03
C VAL A 20 1.58 -13.62 -26.17
N SER A 21 1.97 -12.40 -25.83
CA SER A 21 1.99 -11.32 -26.80
C SER A 21 2.98 -10.26 -26.35
N SER A 22 3.34 -9.38 -27.28
CA SER A 22 4.27 -8.29 -27.02
C SER A 22 3.93 -7.18 -28.00
N SER A 23 3.70 -5.97 -27.49
CA SER A 23 3.44 -4.82 -28.36
C SER A 23 4.31 -3.65 -27.92
N ASP A 24 5.02 -3.05 -28.88
CA ASP A 24 5.94 -1.97 -28.56
C ASP A 24 5.21 -0.76 -27.99
N LEU A 25 5.78 -0.18 -26.94
CA LEU A 25 5.23 1.01 -26.30
C LEU A 25 5.99 2.27 -26.66
N GLY A 26 7.27 2.14 -27.00
CA GLY A 26 8.16 3.25 -27.23
C GLY A 26 9.31 3.25 -26.24
N SER A 27 10.36 4.01 -26.55
CA SER A 27 11.49 4.23 -25.64
C SER A 27 12.11 2.92 -25.17
N GLY A 28 12.06 1.90 -26.03
CA GLY A 28 12.65 0.61 -25.79
C GLY A 28 11.85 -0.32 -24.91
N LEU A 29 10.60 0.04 -24.62
CA LEU A 29 9.72 -0.77 -23.75
C LEU A 29 8.52 -1.28 -24.55
N SER A 30 8.00 -2.46 -24.19
CA SER A 30 6.83 -3.05 -24.89
C SER A 30 5.83 -3.59 -23.85
N MET A 31 4.55 -3.65 -24.22
CA MET A 31 3.51 -4.22 -23.34
C MET A 31 3.52 -5.73 -23.54
N VAL A 32 3.58 -6.51 -22.46
CA VAL A 32 3.71 -7.95 -22.58
C VAL A 32 2.60 -8.62 -21.78
N ILE A 33 2.10 -9.73 -22.30
CA ILE A 33 1.09 -10.54 -21.58
C ILE A 33 1.76 -11.87 -21.24
N VAL A 34 1.69 -12.28 -19.98
CA VAL A 34 2.29 -13.57 -19.54
C VAL A 34 1.16 -14.44 -19.01
N GLU A 35 1.05 -15.68 -19.46
CA GLU A 35 -0.06 -16.56 -18.98
C GLU A 35 0.50 -17.66 -18.10
N VAL A 36 0.05 -17.75 -16.84
CA VAL A 36 0.35 -18.93 -16.02
C VAL A 36 -0.96 -19.66 -15.78
N ASN A 37 -1.04 -20.91 -16.23
CA ASN A 37 -2.25 -21.72 -16.05
C ASN A 37 -3.48 -20.99 -16.60
N ASN A 38 -3.35 -20.43 -17.80
CA ASN A 38 -4.42 -19.78 -18.55
C ASN A 38 -4.83 -18.43 -17.95
N GLN A 39 -4.19 -17.96 -16.87
CA GLN A 39 -4.43 -16.63 -16.34
C GLN A 39 -3.41 -15.67 -16.95
N GLN A 40 -3.89 -14.61 -17.57
CA GLN A 40 -3.04 -13.63 -18.25
C GLN A 40 -2.89 -12.37 -17.41
N ALA A 41 -1.68 -11.83 -17.34
CA ALA A 41 -1.43 -10.62 -16.58
C ALA A 41 -0.62 -9.62 -17.40
N PRO A 42 -0.82 -8.31 -17.18
CA PRO A 42 -0.10 -7.30 -17.96
C PRO A 42 1.18 -6.84 -17.28
N PHE A 43 2.24 -6.74 -18.09
CA PHE A 43 3.57 -6.38 -17.63
C PHE A 43 4.21 -5.43 -18.62
N LEU A 44 5.32 -4.82 -18.20
CA LEU A 44 6.16 -4.01 -19.07
C LEU A 44 7.52 -4.69 -19.20
N ALA A 45 8.16 -4.54 -20.35
CA ALA A 45 9.43 -5.22 -20.56
C ALA A 45 10.31 -4.42 -21.50
N THR A 46 11.62 -4.59 -21.31
CA THR A 46 12.60 -4.01 -22.21
C THR A 46 12.66 -4.83 -23.50
N ASP A 47 12.95 -4.15 -24.62
CA ASP A 47 12.93 -4.83 -25.91
C ASP A 47 13.94 -5.97 -26.01
N ASP A 48 15.05 -5.88 -25.27
CA ASP A 48 15.98 -7.01 -25.27
C ASP A 48 15.46 -8.20 -24.47
N GLY A 49 14.32 -8.07 -23.80
CA GLY A 49 13.72 -9.14 -23.02
C GLY A 49 14.38 -9.43 -21.69
N LYS A 50 15.39 -8.67 -21.31
CA LYS A 50 16.18 -8.97 -20.12
C LYS A 50 15.59 -8.43 -18.82
N MET A 51 14.53 -7.61 -18.88
CA MET A 51 13.91 -7.04 -17.70
C MET A 51 12.40 -6.93 -17.88
N ILE A 52 11.66 -7.32 -16.86
CA ILE A 52 10.20 -7.25 -16.94
C ILE A 52 9.69 -6.74 -15.59
N PHE A 53 8.63 -5.94 -15.61
CA PHE A 53 8.22 -5.29 -14.38
C PHE A 53 6.79 -4.83 -14.49
N GLN A 54 6.25 -4.45 -13.33
CA GLN A 54 4.91 -3.85 -13.23
C GLN A 54 5.09 -2.48 -12.59
N ALA A 55 4.54 -1.44 -13.20
CA ALA A 55 4.71 -0.08 -12.72
C ALA A 55 3.40 0.42 -12.11
N GLU A 56 3.41 0.72 -10.82
CA GLU A 56 2.20 1.31 -10.23
C GLU A 56 2.21 2.79 -10.62
N VAL A 57 3.36 3.45 -10.44
CA VAL A 57 3.46 4.90 -10.79
C VAL A 57 4.16 5.00 -12.15
N LEU A 58 3.45 5.48 -13.17
CA LEU A 58 4.06 5.64 -14.53
C LEU A 58 3.87 7.09 -15.01
N ILE A 59 4.96 7.75 -15.40
CA ILE A 59 4.90 9.15 -15.94
C ILE A 59 5.53 9.13 -17.33
N ALA A 60 4.81 9.64 -18.34
CA ALA A 60 5.32 9.63 -19.73
C ALA A 60 5.28 11.04 -20.33
N GLN A 61 6.37 11.44 -21.00
CA GLN A 61 6.45 12.75 -21.65
C GLN A 61 5.21 13.01 -22.49
N ASP A 62 4.85 12.05 -23.33
CA ASP A 62 3.64 12.10 -24.14
C ASP A 62 2.54 11.39 -23.35
N LYS A 63 1.51 12.16 -22.96
CA LYS A 63 0.49 11.60 -22.07
C LYS A 63 -0.32 10.51 -22.76
N SER A 64 -0.46 10.58 -24.09
CA SER A 64 -1.18 9.53 -24.82
C SER A 64 -0.59 8.17 -24.51
N THR A 65 0.75 8.10 -24.43
CA THR A 65 1.43 6.82 -24.13
C THR A 65 0.99 6.32 -22.75
N GLU A 66 0.89 7.23 -21.78
CA GLU A 66 0.46 6.84 -20.40
C GLU A 66 -0.98 6.30 -20.47
N SER A 67 -1.84 6.96 -21.24
CA SER A 67 -3.25 6.52 -21.39
C SER A 67 -3.27 5.13 -22.04
N ARG A 68 -2.41 4.93 -23.04
CA ARG A 68 -2.36 3.65 -23.76
C ARG A 68 -2.04 2.50 -22.78
N VAL A 69 -1.15 2.73 -21.82
CA VAL A 69 -0.84 1.66 -20.82
C VAL A 69 -2.11 1.37 -20.02
N GLN A 70 -2.83 2.42 -19.59
CA GLN A 70 -4.08 2.21 -18.85
C GLN A 70 -5.09 1.44 -19.70
N GLU A 71 -5.18 1.77 -21.00
CA GLU A 71 -6.03 1.01 -21.92
C GLU A 71 -5.61 -0.45 -21.95
N PHE A 72 -4.31 -0.70 -21.99
CA PHE A 72 -3.80 -2.07 -22.00
C PHE A 72 -4.21 -2.83 -20.73
N TYR A 73 -4.04 -2.20 -19.57
CA TYR A 73 -4.42 -2.83 -18.30
C TYR A 73 -5.92 -3.10 -18.25
N LYS A 74 -6.72 -2.11 -18.65
CA LYS A 74 -8.17 -2.25 -18.51
C LYS A 74 -8.70 -3.33 -19.43
N ASN A 75 -8.23 -3.37 -20.67
CA ASN A 75 -8.74 -4.34 -21.63
C ASN A 75 -8.37 -5.76 -21.23
N LEU A 76 -7.16 -5.97 -20.72
CA LEU A 76 -6.81 -7.30 -20.25
C LEU A 76 -7.63 -7.70 -19.03
N TYR A 77 -7.85 -6.77 -18.10
CA TYR A 77 -8.66 -7.09 -16.93
C TYR A 77 -10.09 -7.50 -17.34
N GLU A 78 -10.66 -6.84 -18.35
CA GLU A 78 -12.00 -7.21 -18.79
C GLU A 78 -12.01 -8.58 -19.47
N LYS A 79 -11.03 -8.85 -20.32
CA LYS A 79 -10.97 -10.17 -20.97
C LYS A 79 -10.78 -11.28 -19.95
N GLU A 80 -9.95 -11.05 -18.93
CA GLU A 80 -9.79 -12.06 -17.89
C GLU A 80 -11.10 -12.27 -17.12
N LYS A 81 -11.77 -11.18 -16.73
CA LYS A 81 -13.05 -11.34 -16.02
C LYS A 81 -14.03 -12.17 -16.83
N LEU A 82 -14.11 -11.88 -18.11
CA LEU A 82 -15.01 -12.66 -18.99
C LEU A 82 -14.54 -14.11 -19.01
N ARG A 83 -13.24 -14.34 -19.12
CA ARG A 83 -12.74 -15.72 -19.17
C ARG A 83 -13.05 -16.40 -17.84
N ILE A 84 -12.77 -15.74 -16.74
CA ILE A 84 -12.99 -16.36 -15.40
C ILE A 84 -14.47 -16.68 -15.19
N SER A 85 -15.34 -15.76 -15.57
CA SER A 85 -16.77 -15.94 -15.41
C SER A 85 -17.28 -17.13 -16.21
N ALA A 86 -16.78 -17.32 -17.44
CA ALA A 86 -17.21 -18.48 -18.24
C ALA A 86 -16.76 -19.81 -17.60
N LYS A 87 -15.53 -19.87 -17.10
CA LYS A 87 -15.09 -21.10 -16.41
C LYS A 87 -15.91 -21.29 -15.14
N LEU A 88 -16.12 -20.21 -14.37
CA LEU A 88 -16.87 -20.31 -13.12
C LEU A 88 -18.29 -20.79 -13.37
N LYS A 89 -18.93 -20.31 -14.46
CA LYS A 89 -20.28 -20.81 -14.74
C LYS A 89 -20.27 -22.29 -15.04
N GLU A 90 -19.20 -22.80 -15.63
CA GLU A 90 -19.09 -24.25 -15.83
C GLU A 90 -18.92 -24.97 -14.49
N VAL A 91 -18.16 -24.38 -13.56
CA VAL A 91 -18.02 -25.00 -12.23
C VAL A 91 -19.36 -25.05 -11.53
N PHE A 92 -20.11 -23.96 -11.60
CA PHE A 92 -21.40 -23.96 -10.96
C PHE A 92 -22.23 -25.07 -11.52
N LYS A 93 -22.13 -25.34 -12.84
CA LYS A 93 -23.12 -26.30 -13.24
C LYS A 93 -22.66 -27.71 -12.85
N ALA A 94 -21.35 -27.94 -12.87
CA ALA A 94 -20.82 -29.23 -12.47
C ALA A 94 -21.02 -29.47 -11.00
N GLN A 95 -20.98 -28.42 -10.18
CA GLN A 95 -21.05 -28.59 -8.71
C GLN A 95 -22.45 -28.27 -8.23
N LYS A 96 -23.46 -28.57 -9.04
CA LYS A 96 -24.85 -28.17 -8.72
C LYS A 96 -25.31 -28.67 -7.34
N ALA A 97 -24.94 -29.87 -6.93
CA ALA A 97 -25.36 -30.37 -5.61
C ALA A 97 -24.84 -29.46 -4.49
N ASN A 98 -23.70 -28.81 -4.71
CA ASN A 98 -23.08 -27.97 -3.71
C ASN A 98 -23.51 -26.51 -3.84
N VAL A 99 -24.34 -26.19 -4.82
CA VAL A 99 -24.77 -24.82 -5.07
C VAL A 99 -26.06 -24.55 -4.32
N PHE A 100 -26.11 -23.44 -3.59
CA PHE A 100 -27.41 -22.96 -3.10
C PHE A 100 -28.07 -22.21 -4.25
N THR A 101 -29.17 -22.73 -4.78
CA THR A 101 -29.91 -22.01 -5.81
C THR A 101 -31.10 -21.35 -5.14
N PHE A 102 -31.15 -20.03 -5.22
CA PHE A 102 -32.19 -19.24 -4.58
C PHE A 102 -33.06 -18.64 -5.66
N LYS A 103 -34.36 -18.90 -5.59
CA LYS A 103 -35.27 -18.34 -6.58
C LYS A 103 -35.52 -16.86 -6.33
N ALA A 104 -35.63 -16.09 -7.41
CA ALA A 104 -35.97 -14.70 -7.22
C ALA A 104 -37.36 -14.58 -6.57
N LYS A 105 -37.60 -13.43 -5.94
CA LYS A 105 -38.85 -13.21 -5.22
C LYS A 105 -40.07 -13.45 -6.11
N LYS A 106 -40.01 -12.98 -7.33
CA LYS A 106 -40.92 -13.23 -8.43
C LYS A 106 -40.17 -13.85 -9.60
N PRO A 107 -40.85 -14.61 -10.44
CA PRO A 107 -40.16 -15.40 -11.47
C PRO A 107 -39.27 -14.55 -12.38
N SER A 108 -38.07 -15.07 -12.62
CA SER A 108 -37.08 -14.36 -13.40
C SER A 108 -36.27 -15.40 -14.15
N ASN A 109 -35.82 -15.04 -15.35
CA ASN A 109 -34.88 -15.94 -16.03
C ASN A 109 -33.45 -15.42 -16.00
N LYS A 110 -33.17 -14.36 -15.24
CA LYS A 110 -31.82 -13.85 -14.99
C LYS A 110 -31.20 -14.55 -13.77
N THR A 111 -29.88 -14.75 -13.81
CA THR A 111 -29.17 -15.34 -12.69
C THR A 111 -27.91 -14.56 -12.33
N ILE A 112 -27.69 -14.41 -11.03
CA ILE A 112 -26.49 -13.81 -10.42
C ILE A 112 -25.74 -14.95 -9.73
N TYR A 113 -24.45 -15.08 -10.01
CA TYR A 113 -23.61 -16.12 -9.42
C TYR A 113 -22.71 -15.49 -8.36
N ILE A 114 -22.64 -16.11 -7.19
CA ILE A 114 -21.87 -15.53 -6.07
C ILE A 114 -20.96 -16.58 -5.48
N VAL A 115 -19.68 -16.26 -5.38
CA VAL A 115 -18.72 -17.08 -4.64
C VAL A 115 -18.41 -16.33 -3.37
N SER A 116 -18.49 -17.02 -2.22
CA SER A 116 -18.46 -16.35 -0.94
C SER A 116 -17.63 -17.16 0.05
N ASP A 117 -17.15 -16.46 1.07
CA ASP A 117 -16.48 -17.11 2.19
C ASP A 117 -17.12 -16.58 3.47
N PHE A 118 -17.48 -17.48 4.39
CA PHE A 118 -18.24 -17.06 5.58
C PHE A 118 -17.50 -16.06 6.46
N ASN A 119 -16.16 -16.10 6.43
CA ASN A 119 -15.33 -15.24 7.31
C ASN A 119 -14.90 -13.93 6.64
N CYS A 120 -15.26 -13.73 5.37
CA CYS A 120 -14.91 -12.45 4.69
C CYS A 120 -15.85 -11.36 5.20
N PRO A 121 -15.36 -10.17 5.61
CA PRO A 121 -16.23 -9.11 6.14
C PRO A 121 -17.23 -8.60 5.10
N TYR A 122 -16.75 -8.38 3.86
CA TYR A 122 -17.62 -7.94 2.77
C TYR A 122 -18.60 -9.02 2.33
N CYS A 123 -18.27 -10.30 2.55
CA CYS A 123 -19.23 -11.36 2.19
C CYS A 123 -20.44 -11.37 3.11
N GLN A 124 -20.24 -11.16 4.41
CA GLN A 124 -21.39 -11.06 5.31
C GLN A 124 -22.31 -9.92 4.90
N ARG A 125 -21.73 -8.78 4.49
CA ARG A 125 -22.57 -7.68 4.07
C ARG A 125 -23.24 -8.02 2.75
N GLU A 126 -22.53 -8.70 1.84
CA GLU A 126 -23.19 -9.10 0.59
C GLU A 126 -24.37 -10.04 0.87
N PHE A 127 -24.21 -11.01 1.77
CA PHE A 127 -25.30 -11.92 2.09
C PHE A 127 -26.50 -11.19 2.70
N ALA A 128 -26.26 -10.17 3.52
CA ALA A 128 -27.35 -9.37 4.07
C ALA A 128 -28.14 -8.61 2.99
N ASN A 129 -27.60 -8.47 1.78
CA ASN A 129 -28.33 -7.86 0.69
C ASN A 129 -28.95 -8.88 -0.24
N LEU A 130 -28.98 -10.14 0.17
CA LEU A 130 -29.51 -11.18 -0.70
C LEU A 130 -30.97 -10.90 -1.06
N ASP A 131 -31.78 -10.46 -0.07
CA ASP A 131 -33.18 -10.15 -0.39
C ASP A 131 -33.29 -9.14 -1.51
N LYS A 132 -32.35 -8.21 -1.57
CA LYS A 132 -32.38 -7.24 -2.65
C LYS A 132 -31.80 -7.79 -3.94
N ARG A 133 -30.80 -8.71 -3.86
CA ARG A 133 -30.40 -9.42 -5.07
C ARG A 133 -31.59 -10.18 -5.66
N LEU A 134 -32.35 -10.85 -4.80
CA LEU A 134 -33.43 -11.72 -5.25
C LEU A 134 -34.59 -10.93 -5.85
N GLU A 135 -34.64 -9.63 -5.60
CA GLU A 135 -35.61 -8.83 -6.33
C GLU A 135 -35.24 -8.65 -7.79
N SER A 136 -33.97 -8.81 -8.16
CA SER A 136 -33.61 -8.56 -9.55
C SER A 136 -33.41 -9.84 -10.36
N ALA A 137 -33.02 -10.93 -9.70
CA ALA A 137 -32.65 -12.14 -10.41
C ALA A 137 -32.69 -13.32 -9.45
N ASN A 138 -32.62 -14.51 -10.02
CA ASN A 138 -32.25 -15.70 -9.24
C ASN A 138 -30.79 -15.55 -8.80
N VAL A 139 -30.42 -16.26 -7.72
CA VAL A 139 -29.05 -16.24 -7.20
C VAL A 139 -28.54 -17.67 -7.03
N GLU A 140 -27.33 -17.92 -7.52
CA GLU A 140 -26.62 -19.17 -7.26
C GLU A 140 -25.39 -18.84 -6.43
N LEU A 141 -25.26 -19.52 -5.30
CA LEU A 141 -24.27 -19.19 -4.28
C LEU A 141 -23.43 -20.43 -3.99
N LEU A 142 -22.12 -20.29 -4.13
CA LEU A 142 -21.14 -21.29 -3.72
C LEU A 142 -20.35 -20.68 -2.58
N VAL A 143 -20.26 -21.39 -1.46
CA VAL A 143 -19.51 -20.86 -0.34
C VAL A 143 -18.26 -21.69 -0.19
N VAL A 144 -17.10 -21.07 -0.35
CA VAL A 144 -15.80 -21.79 -0.33
C VAL A 144 -14.97 -21.41 0.89
N GLY A 145 -14.03 -22.26 1.25
CA GLY A 145 -13.11 -22.02 2.36
C GLY A 145 -11.81 -21.40 1.90
N PHE A 146 -11.81 -20.11 1.63
CA PHE A 146 -10.57 -19.44 1.16
C PHE A 146 -9.83 -18.78 2.31
N LEU A 147 -10.42 -18.65 3.48
CA LEU A 147 -9.75 -17.87 4.51
C LEU A 147 -9.45 -18.65 5.78
N GLY A 148 -8.91 -19.87 5.65
CA GLY A 148 -8.41 -20.60 6.81
C GLY A 148 -9.36 -21.69 7.26
N GLU A 149 -8.95 -22.39 8.33
CA GLU A 149 -9.68 -23.60 8.73
C GLU A 149 -11.15 -23.32 9.10
N ASP A 150 -11.43 -22.24 9.84
CA ASP A 150 -12.82 -22.01 10.24
C ASP A 150 -13.71 -21.78 9.01
N SER A 151 -13.17 -21.13 7.98
CA SER A 151 -13.88 -20.93 6.73
C SER A 151 -14.18 -22.26 6.06
N ILE A 152 -13.20 -23.16 6.03
CA ILE A 152 -13.42 -24.45 5.39
C ILE A 152 -14.44 -25.26 6.18
N LEU A 153 -14.35 -25.22 7.52
CA LEU A 153 -15.33 -25.90 8.36
C LEU A 153 -16.74 -25.37 8.14
N LYS A 154 -16.89 -24.03 8.10
CA LYS A 154 -18.22 -23.49 7.86
C LYS A 154 -18.73 -23.92 6.49
N ALA A 155 -17.84 -23.91 5.48
CA ALA A 155 -18.23 -24.40 4.15
C ALA A 155 -18.70 -25.83 4.21
N ALA A 156 -18.00 -26.68 4.99
CA ALA A 156 -18.43 -28.07 5.11
C ALA A 156 -19.76 -28.18 5.82
N ASN A 157 -19.94 -27.42 6.90
CA ASN A 157 -21.23 -27.44 7.60
C ASN A 157 -22.36 -27.06 6.65
N ALA A 158 -22.16 -25.99 5.88
CA ALA A 158 -23.22 -25.52 5.00
C ALA A 158 -23.64 -26.59 3.99
N LEU A 159 -22.67 -27.28 3.38
CA LEU A 159 -22.94 -28.31 2.38
C LEU A 159 -23.69 -29.49 3.00
N LYS A 160 -23.28 -29.87 4.21
CA LYS A 160 -23.95 -30.96 4.90
C LYS A 160 -25.37 -30.58 5.31
N ASN A 161 -25.57 -29.33 5.75
CA ASN A 161 -26.88 -28.94 6.26
C ASN A 161 -27.81 -28.37 5.21
N LYS A 162 -27.33 -28.17 3.98
CA LYS A 162 -28.17 -27.69 2.88
C LYS A 162 -29.35 -28.63 2.65
N SER A 163 -30.55 -28.08 2.75
CA SER A 163 -31.79 -28.83 2.59
C SER A 163 -32.45 -28.62 1.23
N GLY A 164 -32.18 -27.50 0.57
CA GLY A 164 -32.90 -27.14 -0.62
C GLY A 164 -34.16 -26.37 -0.33
N ASN A 165 -34.48 -26.15 0.94
CA ASN A 165 -35.61 -25.32 1.35
C ASN A 165 -35.03 -23.92 1.50
N GLN A 166 -35.49 -23.00 0.64
CA GLN A 166 -34.91 -21.66 0.54
C GLN A 166 -34.90 -20.96 1.90
N ALA A 167 -36.06 -20.90 2.54
CA ALA A 167 -36.19 -20.15 3.79
C ALA A 167 -35.28 -20.72 4.88
N LYS A 168 -35.26 -22.05 5.05
CA LYS A 168 -34.41 -22.60 6.10
C LYS A 168 -32.93 -22.50 5.72
N ASP A 169 -32.58 -22.72 4.45
CA ASP A 169 -31.17 -22.59 4.07
C ASP A 169 -30.67 -21.17 4.29
N ILE A 170 -31.51 -20.16 4.04
CA ILE A 170 -31.07 -18.80 4.30
C ILE A 170 -30.88 -18.58 5.81
N ALA A 171 -31.81 -19.07 6.64
CA ALA A 171 -31.63 -18.97 8.09
C ALA A 171 -30.36 -19.70 8.54
N MET A 172 -30.07 -20.86 7.95
CA MET A 172 -28.87 -21.57 8.31
C MET A 172 -27.62 -20.77 7.92
N LEU A 173 -27.58 -20.24 6.70
CA LEU A 173 -26.42 -19.48 6.25
C LEU A 173 -26.24 -18.22 7.10
N GLN A 174 -27.35 -17.60 7.49
CA GLN A 174 -27.25 -16.39 8.31
C GLN A 174 -26.48 -16.68 9.58
N LYS A 175 -26.69 -17.86 10.16
CA LYS A 175 -25.93 -18.22 11.35
C LYS A 175 -24.44 -18.30 11.03
N LEU A 176 -24.09 -18.97 9.93
CA LEU A 176 -22.68 -19.15 9.59
C LEU A 176 -22.00 -17.84 9.21
N TYR A 177 -22.73 -16.87 8.64
CA TYR A 177 -22.09 -15.59 8.32
C TYR A 177 -21.86 -14.69 9.53
N THR A 178 -22.46 -14.99 10.67
CA THR A 178 -22.23 -14.16 11.84
C THR A 178 -20.79 -14.32 12.29
N PRO A 179 -20.06 -13.21 12.53
CA PRO A 179 -18.63 -13.24 12.79
C PRO A 179 -18.13 -14.06 14.00
N LYS A 180 -18.85 -14.08 15.12
CA LYS A 180 -18.34 -14.88 16.27
C LYS A 180 -18.74 -16.35 16.17
N SER A 181 -19.51 -16.73 15.16
CA SER A 181 -19.92 -18.14 14.98
C SER A 181 -18.68 -18.99 14.69
N LYS A 182 -18.65 -20.23 15.18
CA LYS A 182 -17.44 -21.08 14.99
C LYS A 182 -17.77 -22.30 14.14
N GLY A 183 -16.88 -22.66 13.22
CA GLY A 183 -17.12 -23.83 12.35
C GLY A 183 -17.20 -25.12 13.14
N GLN A 184 -18.17 -25.99 12.80
CA GLN A 184 -18.34 -27.29 13.49
C GLN A 184 -17.47 -28.32 12.76
N SER A 185 -16.66 -29.07 13.52
CA SER A 185 -15.71 -30.06 12.95
C SER A 185 -16.42 -31.22 12.25
N MET A 186 -15.91 -31.59 11.07
CA MET A 186 -16.35 -32.72 10.27
C MET A 186 -15.39 -32.89 9.11
N ASP A 187 -15.66 -33.88 8.26
CA ASP A 187 -14.86 -34.11 7.07
C ASP A 187 -14.97 -32.91 6.14
N ILE A 188 -13.82 -32.42 5.69
CA ILE A 188 -13.75 -31.22 4.80
C ILE A 188 -13.41 -31.64 3.37
N LYS A 189 -13.50 -32.92 3.03
CA LYS A 189 -13.12 -33.32 1.66
C LYS A 189 -14.01 -32.65 0.60
N ALA A 190 -15.32 -32.64 0.80
CA ALA A 190 -16.25 -32.04 -0.20
C ALA A 190 -16.02 -30.52 -0.28
N ALA A 191 -15.94 -29.85 0.86
CA ALA A 191 -15.67 -28.42 0.82
C ALA A 191 -14.32 -28.13 0.17
N MET A 192 -13.32 -28.97 0.42
CA MET A 192 -12.01 -28.76 -0.18
C MET A 192 -12.07 -28.91 -1.69
N ALA A 193 -12.66 -30.01 -2.17
CA ALA A 193 -12.85 -30.14 -3.62
C ALA A 193 -13.66 -28.96 -4.18
N LEU A 194 -14.72 -28.52 -3.49
CA LEU A 194 -15.48 -27.38 -4.01
C LEU A 194 -14.56 -26.17 -4.14
N THR A 195 -13.83 -25.87 -3.08
CA THR A 195 -12.92 -24.73 -3.03
C THR A 195 -11.87 -24.79 -4.13
N GLN A 196 -11.30 -25.96 -4.37
CA GLN A 196 -10.23 -26.06 -5.36
C GLN A 196 -10.78 -25.90 -6.77
N ALA A 197 -12.01 -26.40 -7.01
CA ALA A 197 -12.62 -26.22 -8.31
C ALA A 197 -12.84 -24.75 -8.64
N VAL A 198 -13.26 -23.95 -7.66
CA VAL A 198 -13.45 -22.52 -7.88
C VAL A 198 -12.11 -21.82 -8.10
N ALA A 199 -11.11 -22.18 -7.29
CA ALA A 199 -9.78 -21.60 -7.42
C ALA A 199 -9.19 -21.88 -8.79
N ASP A 200 -9.43 -23.08 -9.34
CA ASP A 200 -8.88 -23.46 -10.63
C ASP A 200 -9.39 -22.55 -11.75
N THR A 201 -10.54 -21.90 -11.55
CA THR A 201 -11.06 -20.96 -12.53
C THR A 201 -10.20 -19.71 -12.63
N GLY A 202 -9.43 -19.41 -11.58
CA GLY A 202 -8.75 -18.14 -11.44
C GLY A 202 -9.41 -17.18 -10.46
N VAL A 203 -10.44 -17.62 -9.75
CA VAL A 203 -11.04 -16.69 -8.75
C VAL A 203 -10.04 -16.55 -7.61
N ARG A 204 -9.63 -15.33 -7.28
CA ARG A 204 -8.62 -15.15 -6.21
C ARG A 204 -9.21 -14.43 -5.01
N SER A 205 -10.31 -13.70 -5.20
CA SER A 205 -10.88 -12.93 -4.07
C SER A 205 -12.40 -13.09 -3.95
N VAL A 206 -12.92 -12.92 -2.75
CA VAL A 206 -14.37 -13.00 -2.50
C VAL A 206 -14.83 -11.66 -1.92
N PRO A 207 -16.06 -11.23 -2.17
CA PRO A 207 -17.12 -11.92 -2.92
C PRO A 207 -16.82 -11.80 -4.40
N TYR A 208 -17.03 -12.87 -5.17
CA TYR A 208 -16.88 -12.81 -6.62
C TYR A 208 -18.26 -13.02 -7.23
N ILE A 209 -18.70 -12.06 -8.05
CA ILE A 209 -20.09 -11.99 -8.49
C ILE A 209 -20.16 -11.85 -10.01
N ILE A 210 -20.94 -12.71 -10.63
CA ILE A 210 -21.23 -12.61 -12.05
C ILE A 210 -22.67 -12.15 -12.14
N GLU A 211 -22.86 -10.98 -12.64
CA GLU A 211 -24.16 -10.43 -12.91
C GLU A 211 -24.57 -10.67 -14.36
N PRO A 212 -25.86 -10.71 -14.63
CA PRO A 212 -26.30 -10.72 -16.02
C PRO A 212 -26.28 -9.29 -16.55
N HIS A 213 -25.92 -9.14 -17.81
CA HIS A 213 -25.89 -7.78 -18.36
C HIS A 213 -26.41 -7.82 -19.78
N MET B 1 22.02 8.78 -20.65
CA MET B 1 20.70 9.34 -20.24
C MET B 1 20.65 10.81 -20.63
N ASP B 2 19.54 11.25 -21.21
CA ASP B 2 19.38 12.67 -21.60
C ASP B 2 18.59 13.38 -20.52
N LYS B 3 19.25 14.26 -19.75
CA LYS B 3 18.59 14.99 -18.64
C LYS B 3 17.57 15.96 -19.21
N ALA B 4 17.87 16.53 -20.37
CA ALA B 4 16.94 17.49 -20.96
C ALA B 4 15.58 16.85 -21.23
N GLU B 5 15.59 15.62 -21.76
CA GLU B 5 14.33 14.91 -21.95
C GLU B 5 13.69 14.60 -20.60
N LEU B 6 14.50 14.35 -19.58
CA LEU B 6 13.89 14.07 -18.25
C LEU B 6 13.12 15.29 -17.79
N GLN B 7 13.69 16.46 -18.00
CA GLN B 7 13.00 17.67 -17.54
C GLN B 7 11.67 17.80 -18.28
N LYS B 8 11.66 17.56 -19.58
CA LYS B 8 10.40 17.70 -20.34
C LYS B 8 9.36 16.71 -19.79
N THR B 9 9.79 15.49 -19.48
CA THR B 9 8.87 14.45 -18.95
C THR B 9 8.28 14.90 -17.61
N LEU B 10 9.11 15.43 -16.71
CA LEU B 10 8.62 15.86 -15.38
C LEU B 10 7.60 17.00 -15.54
N GLN B 11 7.93 17.98 -16.38
CA GLN B 11 7.04 19.15 -16.62
C GLN B 11 5.73 18.71 -17.29
N ALA B 12 5.80 17.78 -18.25
CA ALA B 12 4.59 17.37 -18.99
C ALA B 12 3.59 16.90 -17.94
N ASN B 13 4.09 16.17 -16.95
CA ASN B 13 3.31 15.77 -15.76
C ASN B 13 3.85 16.70 -14.67
N LYS B 14 2.97 17.40 -13.96
CA LYS B 14 3.46 18.42 -12.99
C LYS B 14 4.29 17.72 -11.91
N ILE B 15 5.54 18.17 -11.76
CA ILE B 15 6.53 17.69 -10.76
C ILE B 15 7.42 18.90 -10.44
N GLN B 16 7.86 19.08 -9.19
CA GLN B 16 8.73 20.24 -8.87
C GLN B 16 10.00 19.71 -8.22
N GLY B 17 10.85 19.08 -9.02
CA GLY B 17 12.10 18.47 -8.53
C GLY B 17 13.27 18.71 -9.47
N ASN B 18 14.48 18.63 -8.92
CA ASN B 18 15.73 18.81 -9.71
C ASN B 18 16.38 17.43 -9.89
N ILE B 19 16.59 17.03 -11.14
CA ILE B 19 17.24 15.73 -11.44
C ILE B 19 18.58 15.80 -10.73
N VAL B 20 18.77 14.96 -9.73
CA VAL B 20 20.01 14.93 -8.99
C VAL B 20 21.08 14.17 -9.76
N SER B 21 20.74 12.95 -10.22
CA SER B 21 21.70 12.05 -10.86
C SER B 21 20.94 11.02 -11.69
N SER B 22 21.69 10.37 -12.58
CA SER B 22 21.20 9.28 -13.44
C SER B 22 22.28 8.20 -13.52
N SER B 23 21.94 6.94 -13.27
CA SER B 23 22.94 5.84 -13.34
C SER B 23 22.47 4.81 -14.36
N ASP B 24 23.33 4.45 -15.32
CA ASP B 24 22.93 3.44 -16.35
C ASP B 24 22.69 2.11 -15.64
N LEU B 25 21.58 1.45 -15.97
CA LEU B 25 21.24 0.15 -15.35
C LEU B 25 21.43 -0.93 -16.40
N GLY B 26 21.29 -0.56 -17.67
CA GLY B 26 21.39 -1.47 -18.80
C GLY B 26 20.04 -1.68 -19.44
N SER B 27 20.00 -2.48 -20.49
CA SER B 27 18.75 -2.78 -21.20
C SER B 27 17.95 -1.51 -21.48
N GLY B 28 18.64 -0.39 -21.64
CA GLY B 28 17.98 0.83 -21.98
C GLY B 28 17.27 1.50 -20.83
N LEU B 29 17.64 1.11 -19.60
CA LEU B 29 17.02 1.69 -18.38
C LEU B 29 18.10 2.30 -17.49
N SER B 30 17.74 3.34 -16.75
CA SER B 30 18.69 4.03 -15.82
C SER B 30 17.97 4.34 -14.50
N MET B 31 18.74 4.48 -13.41
CA MET B 31 18.16 4.82 -12.09
C MET B 31 18.26 6.34 -11.94
N VAL B 32 17.13 7.00 -11.64
CA VAL B 32 17.10 8.45 -11.59
C VAL B 32 16.68 8.89 -10.20
N ILE B 33 17.36 9.91 -9.68
CA ILE B 33 17.01 10.53 -8.41
C ILE B 33 16.37 11.87 -8.72
N VAL B 34 15.20 12.06 -8.14
CA VAL B 34 14.49 13.34 -8.29
C VAL B 34 14.27 13.86 -6.88
N GLU B 35 14.75 15.09 -6.70
CA GLU B 35 14.78 15.82 -5.41
C GLU B 35 13.79 16.99 -5.39
N VAL B 36 12.70 16.85 -4.63
CA VAL B 36 11.66 17.92 -4.48
C VAL B 36 11.79 18.50 -3.07
N ASN B 37 11.92 19.82 -2.96
CA ASN B 37 12.07 20.47 -1.63
C ASN B 37 13.20 19.79 -0.86
N ASN B 38 14.32 19.51 -1.55
CA ASN B 38 15.55 18.90 -0.96
C ASN B 38 15.32 17.42 -0.58
N GLN B 39 14.11 16.89 -0.73
CA GLN B 39 13.85 15.47 -0.39
C GLN B 39 14.08 14.65 -1.66
N GLN B 40 14.95 13.65 -1.57
CA GLN B 40 15.38 12.85 -2.71
C GLN B 40 14.58 11.56 -2.79
N ALA B 41 14.14 11.19 -4.00
CA ALA B 41 13.40 9.96 -4.22
C ALA B 41 13.97 9.18 -5.40
N PRO B 42 13.92 7.84 -5.35
CA PRO B 42 14.48 7.02 -6.43
C PRO B 42 13.44 6.58 -7.48
N PHE B 43 13.85 6.63 -8.74
CA PHE B 43 12.98 6.26 -9.84
C PHE B 43 13.75 5.45 -10.86
N LEU B 44 13.01 4.81 -11.75
CA LEU B 44 13.54 4.16 -12.92
C LEU B 44 13.03 4.93 -14.12
N ALA B 45 13.82 4.97 -15.18
CA ALA B 45 13.43 5.70 -16.37
C ALA B 45 14.11 5.09 -17.60
N THR B 46 13.51 5.31 -18.76
CA THR B 46 14.14 4.91 -20.01
C THR B 46 15.30 5.85 -20.33
N ASP B 47 16.31 5.29 -21.01
CA ASP B 47 17.53 6.05 -21.27
C ASP B 47 17.27 7.30 -22.10
N ASP B 48 16.23 7.29 -22.95
CA ASP B 48 15.88 8.48 -23.72
C ASP B 48 15.19 9.55 -22.88
N GLY B 49 14.94 9.31 -21.60
CA GLY B 49 14.30 10.27 -20.72
C GLY B 49 12.82 10.47 -20.92
N LYS B 50 12.23 9.76 -21.87
CA LYS B 50 10.81 9.96 -22.20
C LYS B 50 9.85 9.27 -21.23
N MET B 51 10.33 8.35 -20.40
CA MET B 51 9.41 7.66 -19.45
C MET B 51 10.06 7.52 -18.07
N ILE B 52 9.30 7.84 -17.01
CA ILE B 52 9.77 7.70 -15.59
C ILE B 52 8.71 6.90 -14.82
N PHE B 53 9.14 5.91 -14.04
CA PHE B 53 8.20 5.04 -13.28
C PHE B 53 8.91 4.40 -12.10
N GLN B 54 8.15 3.82 -11.16
CA GLN B 54 8.76 3.12 -10.02
C GLN B 54 8.20 1.71 -10.09
N ALA B 55 8.98 0.68 -9.82
CA ALA B 55 8.35 -0.63 -10.03
C ALA B 55 8.13 -1.38 -8.71
N GLU B 56 6.88 -1.72 -8.41
CA GLU B 56 6.66 -2.55 -7.20
C GLU B 56 7.29 -3.91 -7.47
N VAL B 57 6.96 -4.51 -8.62
CA VAL B 57 7.50 -5.86 -8.99
C VAL B 57 8.47 -5.69 -10.17
N LEU B 58 9.73 -6.08 -9.97
CA LEU B 58 10.74 -6.02 -11.06
C LEU B 58 11.39 -7.40 -11.21
N ILE B 59 11.39 -7.95 -12.43
CA ILE B 59 12.01 -9.27 -12.70
C ILE B 59 13.14 -9.02 -13.70
N ALA B 60 14.37 -9.45 -13.38
CA ALA B 60 15.48 -9.20 -14.26
C ALA B 60 16.11 -10.53 -14.64
N GLN B 61 16.57 -10.63 -15.89
CA GLN B 61 17.24 -11.87 -16.36
C GLN B 61 18.53 -12.06 -15.56
N ASP B 62 19.26 -10.97 -15.32
CA ASP B 62 20.54 -11.01 -14.58
C ASP B 62 20.26 -10.71 -13.10
N LYS B 63 20.75 -11.58 -12.21
CA LYS B 63 20.54 -11.40 -10.74
C LYS B 63 21.22 -10.11 -10.30
N SER B 64 22.40 -9.82 -10.84
CA SER B 64 23.19 -8.62 -10.47
C SER B 64 22.34 -7.36 -10.69
N THR B 65 21.59 -7.31 -11.79
CA THR B 65 20.74 -6.12 -12.06
C THR B 65 19.67 -5.96 -10.98
N GLU B 66 19.04 -7.06 -10.56
CA GLU B 66 17.98 -6.99 -9.51
C GLU B 66 18.56 -6.46 -8.20
N SER B 67 19.75 -6.94 -7.83
CA SER B 67 20.42 -6.52 -6.57
C SER B 67 20.83 -5.06 -6.68
N ARG B 68 21.29 -4.65 -7.84
CA ARG B 68 21.73 -3.24 -7.97
C ARG B 68 20.53 -2.33 -7.71
N VAL B 69 19.36 -2.65 -8.26
CA VAL B 69 18.21 -1.75 -8.01
C VAL B 69 17.91 -1.77 -6.52
N GLN B 70 17.95 -2.94 -5.91
CA GLN B 70 17.67 -3.01 -4.48
C GLN B 70 18.65 -2.18 -3.70
N GLU B 71 19.93 -2.25 -4.09
CA GLU B 71 20.98 -1.45 -3.47
C GLU B 71 20.70 0.03 -3.61
N PHE B 72 20.29 0.45 -4.80
CA PHE B 72 20.06 1.89 -5.07
C PHE B 72 18.96 2.42 -4.14
N TYR B 73 17.85 1.69 -3.98
CA TYR B 73 16.76 2.14 -3.09
C TYR B 73 17.23 2.15 -1.64
N LYS B 74 17.94 1.10 -1.23
CA LYS B 74 18.43 0.92 0.16
C LYS B 74 19.45 2.01 0.54
N ASN B 75 20.38 2.31 -0.36
CA ASN B 75 21.45 3.30 -0.06
C ASN B 75 20.87 4.71 -0.02
N LEU B 76 20.03 5.06 -0.97
CA LEU B 76 19.46 6.40 -0.99
C LEU B 76 18.66 6.65 0.28
N TYR B 77 17.83 5.69 0.68
CA TYR B 77 17.04 5.87 1.88
C TYR B 77 17.95 6.06 3.09
N GLU B 78 19.06 5.33 3.15
CA GLU B 78 19.98 5.48 4.26
C GLU B 78 20.67 6.84 4.24
N LYS B 79 21.15 7.27 3.06
CA LYS B 79 21.80 8.58 2.98
C LYS B 79 20.83 9.70 3.33
N GLU B 80 19.59 9.60 2.88
CA GLU B 80 18.61 10.63 3.21
C GLU B 80 18.35 10.66 4.72
N LYS B 81 18.18 9.49 5.33
CA LYS B 81 18.00 9.44 6.78
C LYS B 81 19.20 10.10 7.47
N LEU B 82 20.39 9.79 7.02
CA LEU B 82 21.58 10.43 7.64
C LEU B 82 21.55 11.94 7.38
N ARG B 83 21.25 12.36 6.14
CA ARG B 83 21.24 13.80 5.81
C ARG B 83 20.17 14.54 6.62
N ILE B 84 18.98 13.96 6.75
CA ILE B 84 17.89 14.61 7.54
C ILE B 84 18.33 14.73 9.00
N SER B 85 18.95 13.66 9.53
CA SER B 85 19.41 13.64 10.94
C SER B 85 20.46 14.72 11.19
N ALA B 86 21.42 14.88 10.27
CA ALA B 86 22.47 15.89 10.48
C ALA B 86 21.90 17.29 10.41
N LYS B 87 20.98 17.55 9.49
CA LYS B 87 20.36 18.87 9.42
C LYS B 87 19.51 19.15 10.66
N LEU B 88 18.73 18.17 11.11
CA LEU B 88 17.90 18.40 12.28
C LEU B 88 18.74 18.73 13.50
N LYS B 89 19.85 18.02 13.68
CA LYS B 89 20.68 18.25 14.85
C LYS B 89 21.30 19.64 14.85
N GLU B 90 21.62 20.19 13.66
CA GLU B 90 22.09 21.57 13.58
C GLU B 90 20.99 22.56 13.95
N VAL B 91 19.75 22.30 13.53
CA VAL B 91 18.65 23.15 13.99
C VAL B 91 18.53 23.08 15.50
N PHE B 92 18.63 21.87 16.10
CA PHE B 92 18.58 21.79 17.56
C PHE B 92 19.67 22.63 18.18
N LYS B 93 20.87 22.62 17.58
CA LYS B 93 21.97 23.40 18.13
C LYS B 93 21.71 24.90 17.95
N ALA B 94 21.28 25.31 16.75
CA ALA B 94 21.04 26.74 16.49
C ALA B 94 19.87 27.28 17.31
N GLN B 95 18.79 26.51 17.40
CA GLN B 95 17.57 26.94 18.14
C GLN B 95 17.63 26.43 19.58
N LYS B 96 18.78 26.57 20.23
CA LYS B 96 19.02 26.06 21.59
C LYS B 96 18.04 26.68 22.59
N ALA B 97 17.76 27.96 22.43
CA ALA B 97 16.86 28.67 23.37
C ALA B 97 15.44 28.08 23.32
N ASN B 98 15.02 27.56 22.17
CA ASN B 98 13.65 27.06 22.05
C ASN B 98 13.54 25.55 22.33
N VAL B 99 14.63 24.90 22.69
CA VAL B 99 14.67 23.47 22.88
C VAL B 99 14.43 23.19 24.35
N PHE B 100 13.55 22.25 24.66
CA PHE B 100 13.42 21.72 26.02
C PHE B 100 14.44 20.61 26.23
N THR B 101 15.40 20.83 27.12
CA THR B 101 16.37 19.79 27.43
C THR B 101 16.05 19.13 28.76
N PHE B 102 15.82 17.83 28.72
CA PHE B 102 15.47 17.02 29.88
C PHE B 102 16.58 16.02 30.13
N LYS B 103 17.19 16.08 31.31
CA LYS B 103 18.31 15.20 31.61
C LYS B 103 17.84 13.78 31.91
N ALA B 104 18.69 12.82 31.58
CA ALA B 104 18.36 11.42 31.87
C ALA B 104 18.34 11.23 33.39
N LYS B 105 17.68 10.18 33.87
CA LYS B 105 17.60 9.95 35.33
C LYS B 105 19.02 9.76 35.88
N LYS B 106 19.86 9.00 35.17
CA LYS B 106 21.28 8.82 35.55
C LYS B 106 22.15 9.42 34.43
N PRO B 107 23.19 10.18 34.76
CA PRO B 107 24.09 10.83 33.80
C PRO B 107 24.32 9.98 32.57
N SER B 108 24.21 10.64 31.43
CA SER B 108 24.29 10.03 30.13
C SER B 108 24.95 11.02 29.19
N ASN B 109 25.69 10.49 28.23
CA ASN B 109 26.21 11.28 27.13
C ASN B 109 25.39 11.02 25.86
N LYS B 110 24.25 10.34 25.99
CA LYS B 110 23.40 10.06 24.80
C LYS B 110 22.21 11.04 24.78
N THR B 111 21.87 11.55 23.60
CA THR B 111 20.74 12.45 23.44
C THR B 111 19.76 11.80 22.48
N ILE B 112 18.47 11.88 22.80
CA ILE B 112 17.39 11.52 21.90
C ILE B 112 16.76 12.83 21.50
N TYR B 113 16.61 13.05 20.20
CA TYR B 113 15.98 14.28 19.69
C TYR B 113 14.57 13.94 19.20
N ILE B 114 13.62 14.76 19.60
CA ILE B 114 12.21 14.53 19.29
C ILE B 114 11.65 15.80 18.69
N VAL B 115 11.00 15.67 17.53
CA VAL B 115 10.20 16.75 16.97
C VAL B 115 8.73 16.36 17.12
N SER B 116 7.94 17.26 17.70
CA SER B 116 6.59 16.89 18.11
C SER B 116 5.64 18.05 17.85
N ASP B 117 4.34 17.72 17.79
CA ASP B 117 3.26 18.69 17.69
C ASP B 117 2.23 18.36 18.76
N PHE B 118 1.77 19.39 19.49
CA PHE B 118 0.94 19.14 20.66
C PHE B 118 -0.37 18.45 20.28
N ASN B 119 -0.87 18.71 19.08
CA ASN B 119 -2.15 18.17 18.66
C ASN B 119 -2.04 16.82 17.97
N CYS B 120 -0.82 16.34 17.69
CA CYS B 120 -0.71 15.03 17.06
C CYS B 120 -0.89 13.93 18.09
N PRO B 121 -1.81 12.98 17.90
CA PRO B 121 -2.10 12.00 18.94
C PRO B 121 -0.89 11.15 19.31
N TYR B 122 -0.13 10.71 18.32
CA TYR B 122 1.06 9.88 18.58
C TYR B 122 2.09 10.65 19.39
N CYS B 123 2.24 11.94 19.12
CA CYS B 123 3.18 12.76 19.91
C CYS B 123 2.67 12.75 21.34
N GLN B 124 1.36 12.93 21.52
CA GLN B 124 0.84 12.81 22.87
C GLN B 124 1.24 11.47 23.47
N ARG B 125 1.31 10.43 22.64
CA ARG B 125 1.67 9.11 23.12
C ARG B 125 3.15 9.10 23.49
N GLU B 126 3.97 9.69 22.62
CA GLU B 126 5.41 9.75 22.85
C GLU B 126 5.71 10.55 24.12
N PHE B 127 5.01 11.67 24.32
CA PHE B 127 5.25 12.46 25.50
C PHE B 127 4.94 11.68 26.77
N ALA B 128 3.92 10.82 26.76
CA ALA B 128 3.62 10.01 27.94
C ALA B 128 4.72 9.01 28.25
N ASN B 129 5.51 8.64 27.27
CA ASN B 129 6.64 7.74 27.48
C ASN B 129 7.93 8.50 27.75
N LEU B 130 7.84 9.79 28.06
CA LEU B 130 9.05 10.60 28.23
C LEU B 130 9.91 10.07 29.37
N ASP B 131 9.31 9.81 30.54
CA ASP B 131 10.11 9.30 31.66
C ASP B 131 10.78 7.99 31.28
N LYS B 132 10.14 7.22 30.44
CA LYS B 132 10.70 5.94 30.02
C LYS B 132 11.79 6.14 28.95
N ARG B 133 11.71 7.23 28.17
CA ARG B 133 12.87 7.65 27.38
C ARG B 133 14.04 8.03 28.29
N LEU B 134 13.73 8.76 29.34
CA LEU B 134 14.75 9.35 30.25
C LEU B 134 15.60 8.31 30.94
N GLU B 135 15.14 7.08 31.10
CA GLU B 135 16.03 6.11 31.76
C GLU B 135 17.29 5.93 30.89
N SER B 136 17.08 5.76 29.58
CA SER B 136 18.16 5.55 28.58
C SER B 136 19.04 6.77 28.24
N ALA B 137 18.46 7.97 28.10
CA ALA B 137 19.24 9.09 27.53
C ALA B 137 18.63 10.43 27.91
N ASN B 138 19.41 11.48 27.65
CA ASN B 138 18.86 12.84 27.64
C ASN B 138 17.88 12.97 26.50
N VAL B 139 16.93 13.87 26.65
CA VAL B 139 15.95 14.15 25.62
C VAL B 139 15.96 15.64 25.33
N GLU B 140 16.07 16.00 24.05
CA GLU B 140 15.90 17.37 23.59
C GLU B 140 14.65 17.41 22.73
N LEU B 141 13.74 18.32 23.05
CA LEU B 141 12.40 18.33 22.48
C LEU B 141 12.12 19.67 21.80
N LEU B 142 11.74 19.60 20.53
CA LEU B 142 11.24 20.75 19.79
C LEU B 142 9.78 20.49 19.44
N VAL B 143 8.92 21.46 19.74
CA VAL B 143 7.50 21.36 19.43
C VAL B 143 7.21 22.31 18.29
N VAL B 144 6.61 21.79 17.22
CA VAL B 144 6.32 22.64 16.04
C VAL B 144 4.84 22.63 15.75
N GLY B 145 4.37 23.68 15.08
CA GLY B 145 2.97 23.79 14.64
C GLY B 145 2.81 23.25 13.25
N PHE B 146 2.77 21.94 13.09
CA PHE B 146 2.65 21.37 11.74
C PHE B 146 1.21 21.11 11.34
N LEU B 147 0.30 20.96 12.30
CA LEU B 147 -1.07 20.56 12.02
C LEU B 147 -2.07 21.66 12.31
N GLY B 148 -1.87 22.83 11.74
CA GLY B 148 -2.90 23.84 11.78
C GLY B 148 -2.65 24.92 12.81
N GLU B 149 -3.62 25.84 12.85
CA GLU B 149 -3.49 27.04 13.68
C GLU B 149 -3.37 26.68 15.16
N ASP B 150 -4.12 25.70 15.64
CA ASP B 150 -4.08 25.42 17.08
C ASP B 150 -2.72 24.93 17.51
N SER B 151 -2.06 24.13 16.68
CA SER B 151 -0.73 23.64 17.03
C SER B 151 0.27 24.79 17.15
N ILE B 152 0.22 25.74 16.21
CA ILE B 152 1.13 26.88 16.26
C ILE B 152 0.90 27.70 17.52
N LEU B 153 -0.37 27.87 17.90
CA LEU B 153 -0.69 28.57 19.14
C LEU B 153 -0.07 27.87 20.34
N LYS B 154 -0.26 26.55 20.44
CA LYS B 154 0.31 25.81 21.55
C LYS B 154 1.83 25.87 21.54
N ALA B 155 2.44 25.71 20.35
CA ALA B 155 3.89 25.82 20.25
C ALA B 155 4.38 27.20 20.67
N ALA B 156 3.63 28.24 20.30
CA ALA B 156 3.97 29.60 20.72
C ALA B 156 3.84 29.74 22.23
N ASN B 157 2.77 29.18 22.80
CA ASN B 157 2.57 29.22 24.25
C ASN B 157 3.74 28.57 24.98
N ALA B 158 4.17 27.39 24.52
CA ALA B 158 5.26 26.69 25.19
C ALA B 158 6.52 27.53 25.23
N LEU B 159 6.78 28.31 24.17
CA LEU B 159 8.01 29.08 24.09
C LEU B 159 8.07 30.19 25.16
N LYS B 160 7.01 31.00 25.37
CA LYS B 160 7.06 31.84 26.56
C LYS B 160 6.92 31.10 27.85
N ASN B 161 6.20 29.98 27.86
CA ASN B 161 6.10 29.40 29.19
C ASN B 161 7.31 28.53 29.55
N LYS B 162 8.22 28.31 28.61
CA LYS B 162 9.44 27.58 28.93
C LYS B 162 10.23 28.32 30.01
N SER B 163 10.53 27.61 31.10
CA SER B 163 11.26 28.17 32.23
C SER B 163 12.71 27.71 32.35
N GLY B 164 13.06 26.59 31.73
CA GLY B 164 14.35 25.97 31.90
C GLY B 164 14.43 25.02 33.08
N ASN B 165 13.35 24.92 33.87
CA ASN B 165 13.27 23.99 35.00
C ASN B 165 12.58 22.72 34.52
N GLN B 166 13.27 21.59 34.60
CA GLN B 166 12.75 20.37 33.99
C GLN B 166 11.35 20.03 34.50
N ALA B 167 11.21 19.84 35.81
CA ALA B 167 9.93 19.38 36.34
C ALA B 167 8.82 20.36 36.01
N LYS B 168 9.08 21.65 36.16
CA LYS B 168 8.09 22.66 35.83
C LYS B 168 7.78 22.65 34.35
N ASP B 169 8.80 22.55 33.49
CA ASP B 169 8.51 22.52 32.06
C ASP B 169 7.73 21.28 31.66
N ILE B 170 8.02 20.11 32.24
CA ILE B 170 7.24 18.92 31.88
C ILE B 170 5.79 19.07 32.29
N ALA B 171 5.54 19.54 33.52
CA ALA B 171 4.17 19.78 33.95
C ALA B 171 3.47 20.76 33.01
N MET B 172 4.19 21.80 32.57
CA MET B 172 3.62 22.79 31.68
C MET B 172 3.30 22.19 30.31
N LEU B 173 4.27 21.47 29.71
CA LEU B 173 3.98 20.82 28.44
C LEU B 173 2.83 19.84 28.57
N GLN B 174 2.69 19.24 29.75
CA GLN B 174 1.65 18.19 29.97
C GLN B 174 0.26 18.77 29.70
N LYS B 175 0.00 19.99 30.15
CA LYS B 175 -1.33 20.64 29.95
C LYS B 175 -1.58 20.86 28.45
N LEU B 176 -0.57 21.34 27.72
CA LEU B 176 -0.70 21.63 26.26
C LEU B 176 -0.98 20.33 25.49
N TYR B 177 -0.30 19.24 25.87
CA TYR B 177 -0.49 17.94 25.24
C TYR B 177 -1.87 17.34 25.52
N THR B 178 -2.63 17.91 26.46
CA THR B 178 -3.96 17.30 26.76
C THR B 178 -4.81 17.31 25.49
N PRO B 179 -5.48 16.20 25.14
CA PRO B 179 -6.32 16.16 23.94
C PRO B 179 -7.42 17.24 24.00
N LYS B 180 -7.65 17.90 22.85
CA LYS B 180 -8.66 18.99 22.71
C LYS B 180 -8.37 20.16 23.66
N SER B 181 -7.09 20.47 23.88
CA SER B 181 -6.72 21.66 24.71
C SER B 181 -6.78 22.90 23.83
N LYS B 182 -6.84 24.10 24.42
CA LYS B 182 -6.94 25.33 23.59
C LYS B 182 -5.73 26.25 23.81
N GLY B 183 -5.02 26.57 22.73
CA GLY B 183 -3.89 27.47 22.76
C GLY B 183 -4.30 28.90 23.11
N GLN B 184 -3.51 29.52 23.98
CA GLN B 184 -3.72 30.92 24.34
C GLN B 184 -3.18 31.87 23.28
N SER B 185 -4.02 32.84 22.89
CA SER B 185 -3.70 33.71 21.76
C SER B 185 -2.51 34.60 22.08
N MET B 186 -1.55 34.66 21.15
CA MET B 186 -0.36 35.48 21.29
C MET B 186 0.34 35.54 19.94
N ASP B 187 1.45 36.28 19.89
CA ASP B 187 2.24 36.36 18.67
C ASP B 187 2.84 35.00 18.34
N ILE B 188 2.72 34.60 17.08
CA ILE B 188 3.13 33.29 16.65
C ILE B 188 4.37 33.33 15.77
N LYS B 189 5.10 34.45 15.75
CA LYS B 189 6.25 34.55 14.86
C LYS B 189 7.32 33.53 15.24
N ALA B 190 7.58 33.40 16.53
CA ALA B 190 8.62 32.48 16.98
C ALA B 190 8.28 31.03 16.60
N ALA B 191 7.03 30.62 16.85
CA ALA B 191 6.63 29.26 16.49
C ALA B 191 6.76 29.01 15.00
N MET B 192 6.36 29.98 14.18
CA MET B 192 6.42 29.80 12.73
C MET B 192 7.86 29.67 12.25
N ALA B 193 8.73 30.60 12.68
CA ALA B 193 10.13 30.50 12.32
C ALA B 193 10.74 29.20 12.82
N LEU B 194 10.40 28.80 14.06
CA LEU B 194 10.90 27.53 14.55
C LEU B 194 10.42 26.38 13.67
N THR B 195 9.10 26.37 13.43
CA THR B 195 8.47 25.29 12.62
C THR B 195 9.01 25.28 11.20
N GLN B 196 9.16 26.45 10.56
CA GLN B 196 9.67 26.50 9.17
C GLN B 196 11.11 25.98 9.14
N ALA B 197 11.91 26.34 10.14
CA ALA B 197 13.32 25.91 10.21
C ALA B 197 13.36 24.39 10.29
N VAL B 198 12.46 23.78 11.06
CA VAL B 198 12.42 22.33 11.20
C VAL B 198 12.02 21.68 9.88
N ALA B 199 11.00 22.22 9.20
CA ALA B 199 10.54 21.68 7.93
C ALA B 199 11.64 21.71 6.87
N ASP B 200 12.50 22.73 6.91
CA ASP B 200 13.56 22.86 5.92
C ASP B 200 14.58 21.71 5.98
N THR B 201 14.68 21.01 7.12
CA THR B 201 15.56 19.83 7.19
C THR B 201 15.05 18.68 6.33
N GLY B 202 13.75 18.64 6.05
CA GLY B 202 13.11 17.49 5.46
C GLY B 202 12.25 16.72 6.43
N VAL B 203 12.01 17.28 7.62
CA VAL B 203 11.12 16.56 8.58
C VAL B 203 9.68 16.89 8.13
N ARG B 204 8.87 15.89 7.83
CA ARG B 204 7.49 16.18 7.36
C ARG B 204 6.45 15.62 8.30
N SER B 205 6.81 14.62 9.11
CA SER B 205 5.81 13.93 9.97
C SER B 205 6.21 13.95 11.43
N VAL B 206 5.23 14.06 12.32
CA VAL B 206 5.51 14.00 13.74
C VAL B 206 4.81 12.79 14.34
N PRO B 207 5.39 12.17 15.37
CA PRO B 207 6.63 12.56 16.04
C PRO B 207 7.85 12.15 15.23
N TYR B 208 8.89 12.97 15.15
CA TYR B 208 10.14 12.60 14.51
C TYR B 208 11.21 12.45 15.59
N ILE B 209 11.81 11.27 15.68
CA ILE B 209 12.70 10.88 16.77
C ILE B 209 14.02 10.45 16.17
N ILE B 210 15.12 11.02 16.65
CA ILE B 210 16.45 10.53 16.30
C ILE B 210 16.99 9.89 17.55
N GLU B 211 17.24 8.60 17.47
CA GLU B 211 17.88 7.89 18.56
C GLU B 211 19.37 8.10 18.39
N PRO B 212 20.28 7.67 19.43
CA PRO B 212 21.95 7.60 19.72
C PRO B 212 22.48 6.67 18.63
N HIS B 213 23.67 6.95 18.08
CA HIS B 213 24.23 6.11 17.00
C HIS B 213 24.50 4.69 17.50
N HIS B 214 24.29 3.69 16.64
CA HIS B 214 24.48 2.27 17.04
C HIS B 214 25.34 1.52 16.01
N HIS B 215 25.96 0.42 16.45
CA HIS B 215 26.83 -0.47 15.64
C HIS B 215 27.72 0.32 14.69
#